data_3CQU
#
_entry.id   3CQU
#
_cell.length_a   42.487
_cell.length_b   55.507
_cell.length_c   93.359
_cell.angle_alpha   90.000
_cell.angle_beta   105.240
_cell.angle_gamma   90.000
#
_symmetry.space_group_name_H-M   'P 1 21 1'
#
loop_
_entity.id
_entity.type
_entity.pdbx_description
1 polymer 'RAC-alpha serine/threonine-protein kinase'
2 polymer 'Glycogen synthase kinase-3 beta'
3 non-polymer N-[2-(5-methyl-4H-1,2,4-triazol-3-yl)phenyl]-7H-pyrrolo[2,3-d]pyrimidin-4-amine
4 water water
#
loop_
_entity_poly.entity_id
_entity_poly.type
_entity_poly.pdbx_seq_one_letter_code
_entity_poly.pdbx_strand_id
1 'polypeptide(L)'
;GAMDPRVTMNEFEYLKLLGKGTFGKVILVKEKATGRYYAMKILKKEVIVAKDEVAHTLTENRVLQNSRHPFLTALKYSFQ
THDRLCFVMEYANGGELFFHLSRERVFSEDRARFYGAEIVSALDYLHSEKNVVYRDLKLENLMLDKDGHIKITDFGLCKE
GIKDGATMK(TPO)FCGTPEYLAPEVLEDNDYGRAVDWWGLGVVMYEMMCGRLPFYNQDHEKLFELILMEEIRFPRTLGP
EAKSLLSGLLKKDPKQRLGGGSEDAKEIMQHRFFAGIVWQHVYEKKLSPPFKPQVTSETDTRYFDEEFTAQMITITPPDQ
DDSMECVDSERRPHFPQFDYSASSTA
;
A
2 'polypeptide(L)' GRPRTTSFAE C
#
# COMPACT_ATOMS: atom_id res chain seq x y z
N ARG A 6 -28.71 3.23 5.65
CA ARG A 6 -29.18 2.80 4.29
C ARG A 6 -28.42 3.21 2.99
N VAL A 7 -27.23 3.82 3.11
CA VAL A 7 -26.31 4.27 1.98
C VAL A 7 -26.36 3.80 0.48
N THR A 8 -26.42 4.82 -0.42
CA THR A 8 -26.30 4.72 -1.89
C THR A 8 -25.49 5.90 -2.47
N MET A 9 -25.40 5.95 -3.81
CA MET A 9 -24.59 6.98 -4.49
C MET A 9 -25.19 8.39 -4.38
N ASN A 10 -26.50 8.45 -4.19
CA ASN A 10 -27.20 9.73 -4.04
C ASN A 10 -26.82 10.43 -2.72
N GLU A 11 -26.17 9.72 -1.80
CA GLU A 11 -25.81 10.24 -0.47
C GLU A 11 -24.48 11.01 -0.48
N PHE A 12 -23.86 11.11 -1.64
CA PHE A 12 -22.61 11.83 -1.76
C PHE A 12 -22.63 12.80 -2.95
N GLU A 13 -21.80 13.84 -2.89
CA GLU A 13 -21.53 14.70 -4.04
C GLU A 13 -20.17 14.28 -4.56
N TYR A 14 -19.98 14.35 -5.88
CA TYR A 14 -18.76 13.85 -6.55
C TYR A 14 -17.93 15.05 -7.05
N LEU A 15 -16.80 15.28 -6.40
CA LEU A 15 -16.06 16.55 -6.54
C LEU A 15 -14.85 16.39 -7.44
N LYS A 16 -13.94 15.48 -7.10
CA LYS A 16 -12.71 15.37 -7.89
C LYS A 16 -12.24 13.94 -8.13
N LEU A 17 -11.75 13.69 -9.32
CA LEU A 17 -11.09 12.42 -9.61
C LEU A 17 -9.63 12.56 -9.11
N LEU A 18 -9.27 11.70 -8.16
CA LEU A 18 -7.94 11.72 -7.58
C LEU A 18 -7.04 10.69 -8.24
N GLY A 19 -7.61 9.61 -8.78
CA GLY A 19 -6.85 8.59 -9.47
C GLY A 19 -7.65 7.53 -10.20
N LYS A 20 -6.97 6.83 -11.11
CA LYS A 20 -7.64 5.85 -11.96
C LYS A 20 -6.69 4.73 -12.35
N GLY A 21 -7.22 3.53 -12.57
CA GLY A 21 -6.45 2.46 -13.19
C GLY A 21 -6.95 1.06 -12.97
N THR A 22 -6.01 0.11 -12.85
CA THR A 22 -6.31 -1.29 -12.54
C THR A 22 -7.29 -1.40 -11.40
N PHE A 23 -7.27 -0.43 -10.50
CA PHE A 23 -7.97 -0.50 -9.20
C PHE A 23 -9.41 0.16 -9.24
N GLY A 24 -9.87 0.48 -10.44
CA GLY A 24 -11.08 1.27 -10.62
C GLY A 24 -10.80 2.76 -10.47
N LYS A 25 -11.80 3.52 -10.07
CA LYS A 25 -11.64 4.98 -9.99
C LYS A 25 -11.79 5.42 -8.55
N VAL A 26 -10.99 6.42 -8.12
CA VAL A 26 -11.06 6.93 -6.76
C VAL A 26 -11.46 8.38 -6.89
N ILE A 27 -12.50 8.78 -6.13
CA ILE A 27 -13.09 10.09 -6.16
C ILE A 27 -13.18 10.73 -4.73
N LEU A 28 -12.75 11.98 -4.61
CA LEU A 28 -13.01 12.81 -3.45
C LEU A 28 -14.54 13.14 -3.41
N VAL A 29 -15.29 12.56 -2.49
CA VAL A 29 -16.72 12.80 -2.34
C VAL A 29 -17.00 13.50 -0.99
N LYS A 30 -18.23 14.08 -0.88
CA LYS A 30 -18.74 14.68 0.35
C LYS A 30 -20.03 14.00 0.79
N GLU A 31 -20.06 13.45 1.98
CA GLU A 31 -21.30 12.88 2.53
C GLU A 31 -22.36 14.00 2.77
N LYS A 32 -23.52 13.87 2.11
CA LYS A 32 -24.59 14.90 2.16
C LYS A 32 -25.02 15.16 3.59
N ALA A 33 -25.34 14.10 4.32
CA ALA A 33 -25.90 14.24 5.68
C ALA A 33 -24.90 14.73 6.72
N THR A 34 -23.61 14.66 6.47
CA THR A 34 -22.64 15.05 7.50
C THR A 34 -21.63 16.13 7.09
N GLY A 35 -21.62 16.45 5.81
CA GLY A 35 -20.63 17.33 5.24
C GLY A 35 -19.22 16.77 5.18
N ARG A 36 -19.02 15.49 5.42
CA ARG A 36 -17.66 14.96 5.62
C ARG A 36 -17.09 14.49 4.36
N TYR A 37 -15.79 14.67 4.16
CA TYR A 37 -15.14 14.20 2.92
C TYR A 37 -14.58 12.77 3.01
N TYR A 38 -14.61 12.07 1.87
CA TYR A 38 -14.06 10.72 1.79
C TYR A 38 -13.51 10.49 0.36
N ALA A 39 -12.69 9.43 0.26
CA ALA A 39 -12.24 8.87 -0.99
C ALA A 39 -13.11 7.66 -1.23
N MET A 40 -13.85 7.71 -2.33
CA MET A 40 -14.69 6.60 -2.77
C MET A 40 -14.07 5.85 -3.96
N LYS A 41 -13.70 4.61 -3.73
CA LYS A 41 -13.09 3.73 -4.71
C LYS A 41 -14.28 2.93 -5.25
N ILE A 42 -14.45 3.00 -6.57
CA ILE A 42 -15.67 2.58 -7.27
C ILE A 42 -15.27 1.60 -8.33
N LEU A 43 -15.71 0.35 -8.20
CA LEU A 43 -15.43 -0.64 -9.22
C LEU A 43 -16.67 -0.98 -10.02
N LYS A 44 -16.50 -1.37 -11.27
CA LYS A 44 -17.64 -1.89 -12.03
C LYS A 44 -17.68 -3.40 -11.77
N LYS A 45 -18.85 -3.91 -11.41
CA LYS A 45 -19.08 -5.35 -11.16
C LYS A 45 -18.68 -6.22 -12.32
N GLU A 46 -18.75 -5.63 -13.52
CA GLU A 46 -18.49 -6.31 -14.80
C GLU A 46 -17.04 -6.67 -14.98
N VAL A 47 -16.15 -5.68 -14.80
CA VAL A 47 -14.71 -5.98 -14.96
C VAL A 47 -14.24 -7.01 -13.95
N ILE A 48 -14.92 -7.09 -12.80
CA ILE A 48 -14.48 -7.92 -11.68
C ILE A 48 -14.81 -9.41 -11.89
N VAL A 49 -15.95 -9.68 -12.51
CA VAL A 49 -16.24 -11.05 -12.94
C VAL A 49 -15.35 -11.39 -14.10
N ALA A 50 -15.31 -10.49 -15.08
CA ALA A 50 -14.48 -10.69 -16.27
C ALA A 50 -13.03 -11.10 -15.93
N LYS A 51 -12.44 -10.59 -14.84
CA LYS A 51 -11.07 -10.99 -14.47
C LYS A 51 -11.04 -12.06 -13.38
N ASP A 52 -12.03 -12.95 -13.37
CA ASP A 52 -12.30 -13.93 -12.30
C ASP A 52 -11.74 -13.50 -10.94
N GLU A 53 -12.16 -12.35 -10.41
CA GLU A 53 -11.60 -11.91 -9.15
C GLU A 53 -12.56 -11.22 -8.17
N VAL A 54 -13.74 -11.82 -8.04
CA VAL A 54 -14.67 -11.38 -7.02
C VAL A 54 -14.11 -11.78 -5.67
N ALA A 55 -13.22 -12.76 -5.64
CA ALA A 55 -12.60 -13.14 -4.37
C ALA A 55 -11.72 -12.02 -3.75
N HIS A 56 -10.93 -11.33 -4.59
CA HIS A 56 -10.12 -10.16 -4.21
C HIS A 56 -10.92 -9.09 -3.52
N THR A 57 -12.13 -8.84 -4.02
CA THR A 57 -12.97 -7.79 -3.51
C THR A 57 -13.54 -8.16 -2.15
N LEU A 58 -13.95 -9.39 -1.97
CA LEU A 58 -14.40 -9.88 -0.70
C LEU A 58 -13.29 -9.83 0.32
N THR A 59 -12.07 -10.22 -0.11
CA THR A 59 -10.85 -10.18 0.69
C THR A 59 -10.56 -8.78 1.15
N GLU A 60 -10.71 -7.81 0.25
CA GLU A 60 -10.41 -6.44 0.57
C GLU A 60 -11.48 -5.86 1.54
N ASN A 61 -12.75 -6.13 1.24
CA ASN A 61 -13.85 -5.74 2.07
C ASN A 61 -13.64 -6.19 3.54
N ARG A 62 -13.25 -7.44 3.71
CA ARG A 62 -13.11 -8.09 4.97
C ARG A 62 -11.83 -7.67 5.71
N VAL A 63 -10.83 -7.29 4.94
CA VAL A 63 -9.56 -6.92 5.55
C VAL A 63 -9.73 -5.46 6.05
N LEU A 64 -10.47 -4.67 5.29
CA LEU A 64 -10.76 -3.33 5.74
C LEU A 64 -11.72 -3.30 7.01
N GLN A 65 -12.66 -4.25 7.14
CA GLN A 65 -13.67 -4.12 8.19
C GLN A 65 -12.99 -4.48 9.46
N ASN A 66 -12.17 -5.51 9.44
CA ASN A 66 -11.42 -5.95 10.62
C ASN A 66 -10.10 -5.23 10.99
N SER A 67 -9.62 -4.27 10.21
CA SER A 67 -8.41 -3.52 10.57
C SER A 67 -8.77 -2.21 11.20
N ARG A 68 -8.22 -1.92 12.39
CA ARG A 68 -8.11 -0.55 12.84
C ARG A 68 -6.62 -0.32 13.16
N HIS A 69 -6.02 0.58 12.42
CA HIS A 69 -4.60 0.91 12.54
C HIS A 69 -4.33 2.27 11.95
N PRO A 70 -3.55 3.10 12.62
CA PRO A 70 -3.29 4.46 12.13
C PRO A 70 -2.68 4.64 10.70
N PHE A 71 -2.05 3.64 10.12
CA PHE A 71 -1.30 3.78 8.91
C PHE A 71 -1.93 2.90 7.86
N LEU A 72 -3.18 2.48 8.10
CA LEU A 72 -4.06 1.83 7.13
C LEU A 72 -5.33 2.73 7.02
N THR A 73 -5.82 2.94 5.79
CA THR A 73 -6.96 3.78 5.53
C THR A 73 -8.17 3.06 6.07
N ALA A 74 -8.84 3.66 7.04
CA ALA A 74 -10.22 3.31 7.44
C ALA A 74 -11.32 3.20 6.38
N LEU A 75 -12.20 2.24 6.56
CA LEU A 75 -13.45 2.15 5.84
C LEU A 75 -14.60 2.68 6.72
N LYS A 76 -15.41 3.54 6.13
CA LYS A 76 -16.64 4.06 6.72
C LYS A 76 -17.89 3.38 6.14
N TYR A 77 -17.97 3.21 4.82
CA TYR A 77 -19.00 2.36 4.17
C TYR A 77 -18.49 1.52 3.02
N SER A 78 -18.98 0.27 2.95
CA SER A 78 -19.09 -0.47 1.68
C SER A 78 -20.60 -0.57 1.29
N PHE A 79 -20.90 -0.27 0.05
CA PHE A 79 -22.21 -0.48 -0.48
C PHE A 79 -22.01 -0.80 -1.96
N GLN A 80 -22.99 -1.48 -2.49
CA GLN A 80 -22.98 -1.88 -3.86
C GLN A 80 -24.23 -1.29 -4.47
N THR A 81 -24.20 -1.15 -5.79
CA THR A 81 -25.39 -0.94 -6.55
C THR A 81 -25.60 -2.08 -7.53
N HIS A 82 -26.37 -1.81 -8.57
CA HIS A 82 -26.76 -2.85 -9.50
C HIS A 82 -25.52 -3.16 -10.32
N ASP A 83 -24.71 -2.12 -10.55
CA ASP A 83 -23.65 -2.03 -11.55
C ASP A 83 -22.27 -1.78 -10.93
N ARG A 84 -22.22 -1.29 -9.68
CA ARG A 84 -20.96 -0.94 -9.02
C ARG A 84 -20.78 -1.50 -7.59
N LEU A 85 -19.50 -1.64 -7.20
CA LEU A 85 -19.05 -1.79 -5.81
C LEU A 85 -18.30 -0.55 -5.37
N CYS A 86 -18.50 -0.11 -4.13
CA CYS A 86 -18.06 1.20 -3.67
C CYS A 86 -17.55 1.06 -2.26
N PHE A 87 -16.35 1.59 -2.02
CA PHE A 87 -15.68 1.59 -0.72
C PHE A 87 -15.44 3.04 -0.42
N VAL A 88 -16.24 3.59 0.50
CA VAL A 88 -16.06 4.93 1.04
C VAL A 88 -14.98 4.85 2.15
N MET A 89 -13.80 5.38 1.90
CA MET A 89 -12.74 5.30 2.89
C MET A 89 -12.33 6.67 3.32
N GLU A 90 -11.75 6.72 4.48
CA GLU A 90 -11.15 7.92 5.02
C GLU A 90 -10.25 8.55 3.96
N TYR A 91 -10.38 9.87 3.77
CA TYR A 91 -9.65 10.61 2.73
C TYR A 91 -8.27 11.09 3.20
N ALA A 92 -7.22 10.65 2.47
CA ALA A 92 -5.79 11.03 2.69
C ALA A 92 -5.36 12.25 1.88
N ASN A 93 -5.27 13.31 2.61
CA ASN A 93 -5.45 14.64 2.09
C ASN A 93 -4.09 15.23 1.63
N GLY A 94 -3.02 14.66 2.18
CA GLY A 94 -1.66 14.87 1.70
C GLY A 94 -1.17 14.10 0.46
N GLY A 95 -2.00 13.30 -0.21
CA GLY A 95 -1.72 12.82 -1.56
C GLY A 95 -1.04 11.46 -1.77
N GLU A 96 -0.56 11.19 -2.97
CA GLU A 96 0.23 9.96 -3.17
C GLU A 96 1.68 10.19 -2.94
N LEU A 97 2.33 9.20 -2.36
CA LEU A 97 3.74 9.27 -2.04
C LEU A 97 4.54 9.17 -3.37
N PHE A 98 4.02 8.38 -4.33
CA PHE A 98 4.45 8.45 -5.72
C PHE A 98 4.48 9.87 -6.26
N PHE A 99 3.40 10.62 -6.07
CA PHE A 99 3.43 12.05 -6.37
C PHE A 99 4.64 12.77 -5.80
N HIS A 100 4.72 12.82 -4.47
CA HIS A 100 5.82 13.45 -3.74
C HIS A 100 7.22 12.92 -4.12
N LEU A 101 7.43 11.62 -4.20
CA LEU A 101 8.80 11.18 -4.53
C LEU A 101 9.15 11.55 -6.02
N SER A 102 8.22 11.46 -6.96
CA SER A 102 8.30 12.16 -8.23
C SER A 102 8.82 13.61 -8.27
N ARG A 103 8.23 14.53 -7.51
CA ARG A 103 8.77 15.85 -7.42
C ARG A 103 10.16 15.90 -6.79
N GLU A 104 10.42 15.20 -5.69
CA GLU A 104 11.67 15.41 -4.93
C GLU A 104 12.81 14.50 -5.36
N ARG A 105 12.48 13.47 -6.14
CA ARG A 105 13.41 12.43 -6.66
C ARG A 105 13.90 11.42 -5.55
N VAL A 106 14.35 12.03 -4.47
CA VAL A 106 14.85 11.35 -3.34
C VAL A 106 14.38 12.03 -2.03
N PHE A 107 14.09 11.15 -1.08
CA PHE A 107 13.94 11.49 0.32
C PHE A 107 15.24 11.40 1.15
N SER A 108 15.31 12.29 2.17
CA SER A 108 16.35 12.15 3.20
C SER A 108 16.19 10.85 3.92
N GLU A 109 17.34 10.32 4.31
CA GLU A 109 17.33 9.28 5.32
C GLU A 109 16.30 9.42 6.47
N ASP A 110 16.13 10.62 7.03
CA ASP A 110 15.27 10.85 8.20
C ASP A 110 13.85 10.73 7.81
N ARG A 111 13.55 11.28 6.65
CA ARG A 111 12.23 11.15 6.04
C ARG A 111 11.84 9.71 5.58
N ALA A 112 12.73 9.02 4.86
CA ALA A 112 12.55 7.61 4.53
C ALA A 112 12.41 6.78 5.80
N ARG A 113 13.23 7.10 6.83
CA ARG A 113 13.10 6.43 8.16
C ARG A 113 11.68 6.59 8.83
N PHE A 114 11.11 7.77 8.76
CA PHE A 114 9.82 8.08 9.37
C PHE A 114 8.81 7.22 8.73
N TYR A 115 8.70 7.28 7.40
CA TYR A 115 7.69 6.51 6.62
C TYR A 115 7.81 5.02 6.76
N GLY A 116 9.05 4.55 6.75
CA GLY A 116 9.36 3.16 6.89
C GLY A 116 9.00 2.59 8.26
N ALA A 117 9.26 3.40 9.29
CA ALA A 117 8.79 3.11 10.61
C ALA A 117 7.30 2.84 10.63
N GLU A 118 6.56 3.68 9.96
CA GLU A 118 5.10 3.61 9.93
C GLU A 118 4.62 2.44 9.11
N ILE A 119 5.35 2.12 8.05
CA ILE A 119 4.93 0.99 7.25
C ILE A 119 5.18 -0.24 8.09
N VAL A 120 6.30 -0.35 8.81
CA VAL A 120 6.65 -1.55 9.58
C VAL A 120 5.52 -1.70 10.66
N SER A 121 5.20 -0.60 11.36
CA SER A 121 4.14 -0.58 12.34
C SER A 121 2.94 -1.28 11.79
N ALA A 122 2.47 -0.92 10.58
CA ALA A 122 1.13 -1.37 10.14
C ALA A 122 1.19 -2.80 9.68
N LEU A 123 2.40 -3.17 9.19
CA LEU A 123 2.61 -4.46 8.60
C LEU A 123 2.81 -5.44 9.71
N ASP A 124 3.54 -5.06 10.74
CA ASP A 124 3.59 -5.85 11.96
C ASP A 124 2.19 -6.06 12.51
N TYR A 125 1.36 -5.04 12.48
CA TYR A 125 -0.07 -5.22 12.85
C TYR A 125 -0.81 -6.26 11.98
N LEU A 126 -1.01 -6.01 10.69
CA LEU A 126 -1.47 -7.01 9.70
C LEU A 126 -0.98 -8.44 9.91
N HIS A 127 0.30 -8.62 10.18
CA HIS A 127 0.87 -9.95 10.32
C HIS A 127 0.49 -10.58 11.69
N SER A 128 0.84 -9.90 12.75
CA SER A 128 0.78 -10.53 14.06
C SER A 128 -0.64 -10.38 14.68
N GLU A 129 -1.48 -9.46 14.22
CA GLU A 129 -2.87 -9.30 14.75
C GLU A 129 -4.01 -9.66 13.81
N LYS A 130 -3.80 -9.57 12.52
CA LYS A 130 -4.85 -10.00 11.61
C LYS A 130 -4.44 -11.25 10.86
N ASN A 131 -3.21 -11.75 11.08
CA ASN A 131 -2.73 -12.87 10.27
C ASN A 131 -2.94 -12.66 8.71
N VAL A 132 -2.54 -11.47 8.27
CA VAL A 132 -2.74 -10.99 6.91
C VAL A 132 -1.38 -10.66 6.38
N VAL A 133 -1.20 -10.97 5.10
CA VAL A 133 0.07 -10.72 4.42
C VAL A 133 -0.31 -9.85 3.27
N TYR A 134 0.18 -8.63 3.21
CA TYR A 134 -0.35 -7.61 2.29
C TYR A 134 -0.16 -7.96 0.82
N ARG A 135 1.08 -8.37 0.52
CA ARG A 135 1.52 -8.87 -0.76
C ARG A 135 1.78 -7.91 -1.87
N ASP A 136 1.30 -6.68 -1.75
CA ASP A 136 1.42 -5.72 -2.84
C ASP A 136 1.96 -4.37 -2.44
N LEU A 137 2.92 -4.37 -1.51
CA LEU A 137 3.57 -3.12 -1.07
C LEU A 137 4.33 -2.48 -2.21
N LYS A 138 3.93 -1.28 -2.52
CA LYS A 138 4.51 -0.46 -3.59
C LYS A 138 4.29 0.96 -3.19
N LEU A 139 5.12 1.82 -3.76
CA LEU A 139 4.97 3.26 -3.60
C LEU A 139 3.56 3.76 -3.91
N GLU A 140 2.97 3.23 -4.96
CA GLU A 140 1.67 3.63 -5.46
C GLU A 140 0.54 3.36 -4.49
N ASN A 141 0.72 2.42 -3.56
CA ASN A 141 -0.31 2.13 -2.57
C ASN A 141 -0.12 2.90 -1.29
N LEU A 142 0.69 3.94 -1.33
CA LEU A 142 1.04 4.66 -0.11
C LEU A 142 0.60 6.08 -0.21
N MET A 143 -0.40 6.47 0.62
CA MET A 143 -0.85 7.82 0.71
C MET A 143 -0.16 8.52 1.93
N LEU A 144 -0.51 9.82 2.04
CA LEU A 144 -0.23 10.70 3.15
C LEU A 144 -1.57 11.40 3.63
N ASP A 145 -1.86 11.37 4.93
CA ASP A 145 -2.90 12.22 5.52
C ASP A 145 -2.51 13.70 5.73
N LYS A 146 -3.52 14.50 6.13
CA LYS A 146 -3.37 15.94 6.43
C LYS A 146 -2.13 16.33 7.30
N ASP A 147 -1.71 15.43 8.20
CA ASP A 147 -0.57 15.68 9.07
C ASP A 147 0.78 15.05 8.56
N GLY A 148 0.76 14.29 7.46
CA GLY A 148 1.94 13.67 6.84
C GLY A 148 2.30 12.30 7.28
N HIS A 149 1.31 11.59 7.85
CA HIS A 149 1.45 10.20 8.27
C HIS A 149 1.12 9.31 7.08
N ILE A 150 1.71 8.12 7.06
CA ILE A 150 1.46 7.16 5.97
C ILE A 150 0.09 6.55 6.05
N LYS A 151 -0.54 6.35 4.90
CA LYS A 151 -1.69 5.47 4.81
C LYS A 151 -1.53 4.42 3.75
N ILE A 152 -1.48 3.17 4.14
CA ILE A 152 -1.55 2.12 3.16
C ILE A 152 -2.99 1.82 2.76
N THR A 153 -3.18 1.72 1.44
CA THR A 153 -4.49 1.38 0.88
C THR A 153 -4.41 0.18 -0.05
N ASP A 154 -5.58 -0.28 -0.48
CA ASP A 154 -5.74 -1.36 -1.41
C ASP A 154 -5.47 -2.72 -0.74
N PHE A 155 -6.52 -3.46 -0.39
CA PHE A 155 -6.24 -4.78 0.17
C PHE A 155 -6.64 -6.00 -0.68
N GLY A 156 -6.94 -5.83 -1.97
CA GLY A 156 -7.36 -6.91 -2.83
C GLY A 156 -6.45 -8.12 -2.95
N LEU A 157 -5.12 -7.90 -2.85
CA LEU A 157 -4.15 -8.99 -3.06
C LEU A 157 -3.69 -9.54 -1.73
N CYS A 158 -4.23 -9.10 -0.58
CA CYS A 158 -3.89 -9.69 0.72
C CYS A 158 -4.17 -11.15 0.74
N LYS A 159 -3.32 -11.89 1.48
CA LYS A 159 -3.63 -13.23 1.91
C LYS A 159 -4.18 -13.19 3.35
N GLU A 160 -5.31 -13.86 3.58
CA GLU A 160 -5.91 -14.00 4.92
C GLU A 160 -5.54 -15.36 5.52
N GLY A 161 -5.72 -15.47 6.84
CA GLY A 161 -5.44 -16.67 7.58
C GLY A 161 -4.02 -17.21 7.51
N ILE A 162 -3.01 -16.37 7.32
CA ILE A 162 -1.60 -16.79 7.47
C ILE A 162 -1.07 -16.51 8.85
N LYS A 163 -0.59 -17.56 9.50
CA LYS A 163 -0.08 -17.41 10.87
C LYS A 163 1.46 -17.41 10.76
N ASP A 164 2.12 -18.11 11.65
CA ASP A 164 3.57 -18.26 11.71
C ASP A 164 4.19 -18.27 10.28
N GLY A 165 4.91 -19.30 9.90
CA GLY A 165 5.52 -19.39 8.59
C GLY A 165 4.61 -20.02 7.54
N ALA A 166 3.34 -20.20 7.87
CA ALA A 166 2.35 -20.70 6.91
C ALA A 166 2.61 -20.08 5.51
N THR A 167 2.42 -20.86 4.45
CA THR A 167 2.78 -20.38 3.12
C THR A 167 1.62 -20.34 2.13
N MET A 168 1.91 -19.74 0.96
CA MET A 168 1.01 -19.35 -0.07
C MET A 168 1.65 -19.64 -1.41
N LYS A 169 0.85 -19.66 -2.46
CA LYS A 169 1.40 -20.00 -3.81
C LYS A 169 1.00 -19.06 -4.95
N PHE A 171 0.62 -16.46 -7.44
CA PHE A 171 1.51 -15.63 -8.15
C PHE A 171 0.83 -14.35 -8.38
N CYS A 172 1.20 -13.35 -7.59
CA CYS A 172 0.58 -12.07 -7.72
C CYS A 172 1.50 -11.07 -7.07
N GLY A 173 1.09 -9.80 -7.19
CA GLY A 173 1.79 -8.59 -6.75
C GLY A 173 1.94 -7.60 -7.88
N THR A 174 3.07 -6.93 -7.94
CA THR A 174 3.41 -6.01 -9.03
C THR A 174 4.78 -6.45 -9.59
N PRO A 175 4.95 -6.59 -10.89
CA PRO A 175 6.22 -7.19 -11.40
C PRO A 175 7.48 -6.62 -10.83
N GLU A 176 7.54 -5.31 -10.76
CA GLU A 176 8.75 -4.69 -10.22
C GLU A 176 9.10 -4.99 -8.74
N TYR A 177 8.11 -5.35 -7.94
CA TYR A 177 8.31 -5.64 -6.52
C TYR A 177 8.38 -7.11 -6.13
N LEU A 178 8.16 -8.04 -7.04
CA LEU A 178 8.07 -9.39 -6.65
C LEU A 178 9.39 -9.83 -6.09
N ALA A 179 9.24 -10.58 -5.01
CA ALA A 179 10.31 -11.15 -4.27
C ALA A 179 10.87 -12.38 -5.04
N PRO A 180 12.13 -12.66 -4.88
CA PRO A 180 12.72 -13.82 -5.54
C PRO A 180 12.00 -15.09 -5.28
N GLU A 181 11.72 -15.45 -4.04
CA GLU A 181 11.09 -16.78 -3.83
C GLU A 181 9.78 -16.89 -4.55
N VAL A 182 9.18 -15.76 -4.86
CA VAL A 182 7.94 -15.82 -5.65
C VAL A 182 8.24 -16.02 -7.15
N LEU A 183 9.27 -15.32 -7.63
CA LEU A 183 9.59 -15.57 -9.04
C LEU A 183 9.93 -17.05 -9.21
N GLU A 184 10.32 -17.72 -8.11
CA GLU A 184 11.10 -19.01 -8.15
C GLU A 184 10.09 -20.09 -8.27
N ASP A 185 8.83 -19.67 -8.11
CA ASP A 185 7.70 -20.57 -8.14
C ASP A 185 7.77 -21.48 -6.91
N ASN A 186 8.43 -20.99 -5.84
CA ASN A 186 8.36 -21.67 -4.54
C ASN A 186 7.11 -21.15 -3.68
N ASP A 187 6.62 -21.99 -2.79
CA ASP A 187 5.76 -21.59 -1.70
C ASP A 187 6.44 -20.48 -0.88
N TYR A 188 5.67 -19.48 -0.48
CA TYR A 188 6.26 -18.33 0.16
C TYR A 188 5.45 -17.94 1.42
N GLY A 189 6.08 -17.27 2.36
CA GLY A 189 5.30 -16.82 3.53
C GLY A 189 5.37 -15.33 3.64
N ARG A 190 5.34 -14.84 4.87
CA ARG A 190 5.21 -13.41 5.11
C ARG A 190 6.42 -12.52 4.84
N ALA A 191 7.58 -13.12 4.86
CA ALA A 191 8.78 -12.35 4.49
C ALA A 191 8.68 -11.70 3.18
N VAL A 192 7.79 -12.04 2.26
CA VAL A 192 7.51 -11.18 1.07
C VAL A 192 7.34 -9.70 1.32
N ASP A 193 6.62 -9.40 2.40
CA ASP A 193 6.18 -8.06 2.76
C ASP A 193 7.43 -7.31 3.14
N TRP A 194 8.42 -8.02 3.65
CA TRP A 194 9.66 -7.33 4.04
C TRP A 194 10.52 -7.03 2.86
N TRP A 195 10.47 -7.90 1.83
CA TRP A 195 11.15 -7.67 0.55
C TRP A 195 10.58 -6.42 -0.12
N GLY A 196 9.27 -6.35 -0.14
CA GLY A 196 8.58 -5.22 -0.66
C GLY A 196 8.96 -3.99 0.04
N LEU A 197 9.16 -4.08 1.36
CA LEU A 197 9.56 -2.87 2.09
C LEU A 197 11.07 -2.47 1.70
N GLY A 198 11.91 -3.43 1.34
CA GLY A 198 13.29 -3.05 0.92
C GLY A 198 13.20 -2.19 -0.31
N VAL A 199 12.31 -2.55 -1.24
CA VAL A 199 12.20 -1.96 -2.59
C VAL A 199 11.66 -0.55 -2.48
N VAL A 200 10.77 -0.36 -1.52
CA VAL A 200 10.21 0.96 -1.27
C VAL A 200 11.18 1.87 -0.52
N MET A 201 11.86 1.32 0.50
CA MET A 201 12.88 2.10 1.16
C MET A 201 13.96 2.43 0.15
N TYR A 202 14.23 1.51 -0.75
CA TYR A 202 15.47 1.65 -1.65
C TYR A 202 15.13 2.76 -2.60
N GLU A 203 13.82 2.84 -2.91
CA GLU A 203 13.28 3.84 -3.87
C GLU A 203 13.29 5.22 -3.25
N MET A 204 12.99 5.25 -1.97
CA MET A 204 12.93 6.51 -1.29
C MET A 204 14.30 7.11 -1.12
N MET A 205 15.27 6.28 -0.72
CA MET A 205 16.60 6.80 -0.38
C MET A 205 17.50 6.92 -1.58
N CYS A 206 17.29 6.09 -2.60
CA CYS A 206 18.16 5.99 -3.76
C CYS A 206 17.65 6.74 -5.00
N GLY A 207 16.33 6.89 -5.15
CA GLY A 207 15.80 7.52 -6.34
C GLY A 207 15.54 6.64 -7.54
N ARG A 208 15.68 5.36 -7.40
CA ARG A 208 15.20 4.48 -8.45
C ARG A 208 14.90 3.10 -7.88
N LEU A 209 14.12 2.28 -8.56
CA LEU A 209 13.91 0.94 -8.14
C LEU A 209 15.23 0.17 -8.18
N PRO A 210 15.35 -0.84 -7.35
CA PRO A 210 16.58 -1.63 -7.31
C PRO A 210 16.79 -2.51 -8.48
N PHE A 211 15.68 -2.98 -9.08
CA PHE A 211 15.61 -3.76 -10.31
C PHE A 211 14.68 -3.14 -11.26
N TYR A 212 15.19 -2.75 -12.45
CA TYR A 212 14.35 -2.20 -13.50
C TYR A 212 14.74 -2.66 -14.93
N ASN A 213 13.73 -3.17 -15.63
CA ASN A 213 13.72 -3.33 -17.08
C ASN A 213 12.24 -3.35 -17.46
N GLN A 214 11.92 -2.80 -18.63
CA GLN A 214 10.53 -2.84 -19.07
C GLN A 214 10.27 -4.24 -19.60
N ASP A 215 11.32 -4.93 -19.98
CA ASP A 215 11.16 -6.33 -20.34
C ASP A 215 11.21 -7.19 -19.11
N HIS A 216 10.09 -7.87 -18.87
CA HIS A 216 9.86 -8.65 -17.68
C HIS A 216 10.82 -9.82 -17.55
N GLU A 217 11.04 -10.56 -18.59
CA GLU A 217 11.97 -11.65 -18.55
C GLU A 217 13.28 -11.08 -18.04
N LYS A 218 13.72 -9.96 -18.59
CA LYS A 218 14.95 -9.32 -18.08
C LYS A 218 14.73 -8.79 -16.65
N LEU A 219 13.52 -8.28 -16.36
CA LEU A 219 13.28 -7.71 -15.06
C LEU A 219 13.36 -8.85 -13.97
N PHE A 220 12.94 -10.05 -14.31
CA PHE A 220 12.83 -11.14 -13.36
C PHE A 220 14.21 -11.76 -13.13
N GLU A 221 15.01 -11.76 -14.22
CA GLU A 221 16.33 -12.28 -14.13
C GLU A 221 17.19 -11.38 -13.23
N LEU A 222 17.02 -10.05 -13.31
CA LEU A 222 17.68 -9.16 -12.38
C LEU A 222 17.35 -9.46 -10.89
N ILE A 223 16.04 -9.44 -10.58
CA ILE A 223 15.58 -9.76 -9.25
C ILE A 223 16.24 -11.05 -8.78
N LEU A 224 16.41 -12.06 -9.65
CA LEU A 224 17.00 -13.36 -9.19
C LEU A 224 18.53 -13.46 -9.12
N MET A 225 19.17 -12.75 -10.03
CA MET A 225 20.57 -12.94 -10.38
C MET A 225 21.52 -11.87 -9.85
N GLU A 226 21.03 -10.62 -9.68
CA GLU A 226 21.95 -9.51 -9.38
C GLU A 226 21.79 -8.89 -7.98
N GLU A 227 22.94 -8.47 -7.45
CA GLU A 227 23.00 -7.72 -6.20
C GLU A 227 22.63 -6.28 -6.50
N ILE A 228 21.94 -5.67 -5.51
CA ILE A 228 21.67 -4.27 -5.53
C ILE A 228 22.95 -3.41 -5.60
N ARG A 229 22.80 -2.25 -6.22
CA ARG A 229 23.78 -1.21 -6.20
C ARG A 229 23.40 -0.31 -5.07
N PHE A 230 24.41 0.27 -4.48
CA PHE A 230 24.35 1.09 -3.37
C PHE A 230 24.99 2.43 -3.80
N PRO A 231 24.19 3.47 -4.11
CA PRO A 231 24.72 4.82 -4.25
C PRO A 231 25.65 5.23 -3.11
N ARG A 232 26.76 5.92 -3.44
CA ARG A 232 27.71 6.42 -2.45
C ARG A 232 27.15 7.50 -1.47
N THR A 233 25.91 7.88 -1.57
CA THR A 233 25.30 8.83 -0.60
C THR A 233 24.62 8.16 0.61
N LEU A 234 24.56 6.83 0.59
CA LEU A 234 23.96 5.98 1.57
C LEU A 234 24.90 5.85 2.75
N GLY A 235 24.37 6.11 3.92
CA GLY A 235 25.08 5.81 5.13
C GLY A 235 25.08 4.31 5.46
N PRO A 236 25.99 3.95 6.34
CA PRO A 236 26.33 2.53 6.51
C PRO A 236 25.12 1.77 7.14
N GLU A 237 24.35 2.48 7.97
CA GLU A 237 23.12 1.90 8.52
C GLU A 237 22.15 1.62 7.42
N ALA A 238 21.97 2.60 6.58
CA ALA A 238 21.04 2.48 5.41
C ALA A 238 21.48 1.33 4.47
N LYS A 239 22.79 1.24 4.16
CA LYS A 239 23.31 0.12 3.22
C LYS A 239 22.99 -1.14 3.83
N SER A 240 22.97 -1.18 5.17
CA SER A 240 22.75 -2.39 5.92
C SER A 240 21.29 -2.83 5.97
N LEU A 241 20.40 -1.88 6.21
CA LEU A 241 18.91 -2.20 6.21
C LEU A 241 18.50 -2.68 4.78
N LEU A 242 18.73 -1.90 3.75
CA LEU A 242 18.43 -2.37 2.39
C LEU A 242 19.09 -3.70 1.97
N SER A 243 20.32 -3.90 2.42
CA SER A 243 20.98 -5.14 2.09
C SER A 243 20.25 -6.30 2.75
N GLY A 244 20.02 -6.20 4.04
CA GLY A 244 19.21 -7.15 4.76
C GLY A 244 17.75 -7.35 4.33
N LEU A 245 17.04 -6.29 4.06
CA LEU A 245 15.64 -6.41 3.54
C LEU A 245 15.60 -7.04 2.13
N LEU A 246 16.71 -7.05 1.38
CA LEU A 246 16.64 -7.55 0.02
C LEU A 246 17.52 -8.78 -0.18
N LYS A 247 17.79 -9.46 0.91
CA LYS A 247 18.27 -10.82 0.84
C LYS A 247 17.25 -11.60 0.07
N LYS A 248 17.76 -12.36 -0.90
CA LYS A 248 16.94 -13.04 -1.89
C LYS A 248 16.38 -14.34 -1.36
N ASP A 249 17.13 -14.94 -0.47
CA ASP A 249 16.64 -15.99 0.38
C ASP A 249 15.72 -15.44 1.55
N PRO A 250 14.44 -15.73 1.56
CA PRO A 250 13.55 -15.25 2.65
C PRO A 250 14.16 -15.72 4.01
N LYS A 251 14.66 -16.95 4.07
CA LYS A 251 15.32 -17.46 5.31
C LYS A 251 16.47 -16.61 5.89
N GLN A 252 17.17 -15.84 5.04
CA GLN A 252 18.21 -14.94 5.42
C GLN A 252 17.77 -13.49 5.50
N ARG A 253 16.53 -13.22 5.12
CA ARG A 253 16.04 -11.86 5.09
C ARG A 253 15.72 -11.31 6.51
N LEU A 254 15.97 -10.03 6.72
CA LEU A 254 15.56 -9.31 7.93
C LEU A 254 14.05 -9.30 8.01
N GLY A 255 13.46 -9.82 9.11
CA GLY A 255 12.02 -9.99 9.26
C GLY A 255 11.51 -11.37 8.88
N GLY A 256 12.44 -12.25 8.50
CA GLY A 256 12.08 -13.53 7.92
C GLY A 256 12.26 -14.74 8.81
N GLY A 257 12.71 -14.54 10.07
CA GLY A 257 12.70 -15.55 11.10
C GLY A 257 11.33 -15.54 11.84
N SER A 258 11.28 -16.15 13.01
CA SER A 258 10.06 -16.24 13.77
C SER A 258 9.67 -14.90 14.34
N GLU A 259 10.62 -14.00 14.58
CA GLU A 259 10.27 -12.71 15.18
C GLU A 259 9.79 -11.59 14.22
N ASP A 260 9.78 -11.86 12.90
CA ASP A 260 9.07 -11.06 11.91
C ASP A 260 9.44 -9.57 12.05
N ALA A 261 8.48 -8.64 12.18
CA ALA A 261 8.75 -7.21 12.18
C ALA A 261 9.80 -6.82 13.18
N LYS A 262 9.83 -7.53 14.33
CA LYS A 262 10.70 -7.22 15.45
C LYS A 262 12.19 -7.25 15.09
N GLU A 263 12.56 -8.08 14.11
CA GLU A 263 13.97 -8.12 13.65
C GLU A 263 14.26 -6.82 12.86
N ILE A 264 13.23 -6.18 12.33
CA ILE A 264 13.42 -4.90 11.64
C ILE A 264 13.39 -3.68 12.60
N MET A 265 12.61 -3.76 13.66
CA MET A 265 12.50 -2.65 14.62
C MET A 265 13.82 -2.51 15.39
N GLN A 266 14.50 -3.61 15.55
CA GLN A 266 15.75 -3.60 16.34
C GLN A 266 16.93 -3.20 15.51
N HIS A 267 16.76 -3.02 14.20
CA HIS A 267 17.91 -2.85 13.31
C HIS A 267 18.49 -1.47 13.56
N ARG A 268 19.82 -1.28 13.48
CA ARG A 268 20.42 0.04 13.80
C ARG A 268 20.02 1.20 12.96
N PHE A 269 19.55 0.97 11.74
CA PHE A 269 18.89 2.05 10.99
C PHE A 269 17.77 2.79 11.84
N PHE A 270 17.01 2.03 12.57
CA PHE A 270 15.86 2.56 13.39
C PHE A 270 16.29 2.83 14.80
N ALA A 271 17.59 2.88 15.06
CA ALA A 271 17.99 3.21 16.41
C ALA A 271 17.35 4.58 16.94
N GLY A 272 16.87 4.60 18.15
CA GLY A 272 16.22 5.82 18.65
C GLY A 272 14.99 6.21 17.84
N ILE A 273 14.35 5.24 17.22
CA ILE A 273 12.98 5.33 16.92
C ILE A 273 12.32 4.61 18.08
N VAL A 274 11.28 5.23 18.66
CA VAL A 274 10.58 4.63 19.72
C VAL A 274 9.27 4.10 19.17
N TRP A 275 9.17 2.77 19.08
CA TRP A 275 8.05 2.18 18.38
C TRP A 275 6.64 2.45 18.91
N GLN A 276 6.46 2.61 20.22
CA GLN A 276 5.10 2.87 20.71
C GLN A 276 4.75 4.30 20.37
N HIS A 277 5.75 5.20 20.32
CA HIS A 277 5.54 6.60 19.88
C HIS A 277 5.13 6.75 18.38
N VAL A 278 5.71 5.90 17.52
CA VAL A 278 5.35 5.80 16.10
C VAL A 278 3.87 5.47 15.99
N TYR A 279 3.51 4.44 16.72
CA TYR A 279 2.15 3.96 16.77
C TYR A 279 1.19 5.02 17.25
N GLU A 280 1.58 5.75 18.30
CA GLU A 280 0.70 6.74 19.01
C GLU A 280 0.77 8.12 18.32
N LYS A 281 1.59 8.23 17.26
CA LYS A 281 1.71 9.38 16.36
C LYS A 281 2.30 10.56 17.05
N LYS A 282 3.23 10.32 17.94
CA LYS A 282 3.89 11.41 18.66
C LYS A 282 5.22 11.79 18.05
N LEU A 283 5.48 11.42 16.81
CA LEU A 283 6.73 11.79 16.11
C LEU A 283 6.36 12.78 15.02
N SER A 284 7.10 13.87 14.93
CA SER A 284 6.82 14.92 13.95
C SER A 284 6.98 14.41 12.51
N PRO A 285 5.93 14.47 11.70
CA PRO A 285 6.10 14.22 10.27
C PRO A 285 7.02 15.25 9.70
N PRO A 286 8.06 14.75 9.02
CA PRO A 286 9.08 15.65 8.43
C PRO A 286 8.58 16.43 7.26
N PHE A 287 7.31 16.24 6.89
CA PHE A 287 6.67 17.01 5.88
C PHE A 287 5.21 17.10 6.23
N LYS A 288 4.75 18.30 6.55
CA LYS A 288 3.35 18.57 6.83
C LYS A 288 2.80 19.04 5.50
N PRO A 289 1.98 18.25 4.82
CA PRO A 289 1.24 18.74 3.65
C PRO A 289 0.67 20.16 3.82
N GLN A 290 0.78 21.01 2.82
CA GLN A 290 0.25 22.38 2.95
C GLN A 290 -1.02 22.38 2.14
N VAL A 291 -2.12 22.04 2.81
CA VAL A 291 -3.39 22.12 2.18
C VAL A 291 -4.21 23.25 2.76
N THR A 292 -5.07 23.80 1.93
CA THR A 292 -5.63 25.11 2.14
C THR A 292 -7.15 25.05 2.42
N SER A 293 -7.59 23.88 2.93
CA SER A 293 -8.97 23.36 2.91
C SER A 293 -8.94 21.86 2.56
N GLU A 294 -10.10 21.19 2.69
CA GLU A 294 -10.21 19.73 2.51
C GLU A 294 -10.34 19.38 1.03
N THR A 295 -10.68 20.39 0.26
CA THR A 295 -11.04 20.18 -1.09
C THR A 295 -9.85 20.49 -1.98
N ASP A 296 -8.72 20.79 -1.36
CA ASP A 296 -7.50 21.21 -2.03
C ASP A 296 -6.66 20.01 -2.46
N THR A 297 -6.42 19.83 -3.76
CA THR A 297 -5.76 18.62 -4.22
C THR A 297 -4.42 18.81 -4.90
N ARG A 298 -3.75 19.90 -4.57
CA ARG A 298 -2.36 20.14 -5.00
C ARG A 298 -1.43 18.89 -5.02
N TYR A 299 -1.58 17.99 -4.03
CA TYR A 299 -0.71 16.78 -3.99
C TYR A 299 -1.21 15.55 -4.73
N PHE A 300 -2.27 15.72 -5.52
CA PHE A 300 -2.75 14.67 -6.38
C PHE A 300 -2.39 15.00 -7.80
N ASP A 301 -2.22 13.96 -8.62
CA ASP A 301 -1.61 14.13 -9.95
C ASP A 301 -2.69 14.58 -10.96
N GLU A 302 -2.30 15.51 -11.83
CA GLU A 302 -3.23 16.27 -12.67
C GLU A 302 -3.77 15.58 -13.92
N GLU A 303 -3.19 14.46 -14.36
CA GLU A 303 -3.88 13.74 -15.44
C GLU A 303 -5.32 13.37 -14.96
N PHE A 304 -5.51 13.35 -13.63
CA PHE A 304 -6.75 12.90 -12.98
C PHE A 304 -7.63 14.03 -12.38
N THR A 305 -7.04 14.87 -11.52
CA THR A 305 -7.69 16.08 -10.93
C THR A 305 -8.49 16.79 -12.00
N ALA A 306 -7.80 16.98 -13.14
CA ALA A 306 -8.28 17.67 -14.36
C ALA A 306 -9.47 17.01 -15.07
N GLN A 307 -9.53 15.68 -15.15
CA GLN A 307 -10.61 15.01 -15.89
C GLN A 307 -11.95 15.60 -15.43
N MET A 308 -12.34 15.37 -14.18
CA MET A 308 -13.36 16.22 -13.54
C MET A 308 -13.11 16.24 -12.02
N SER A 325 -27.75 -9.07 -16.04
CA SER A 325 -27.06 -10.30 -16.43
C SER A 325 -26.58 -11.05 -15.17
N GLU A 326 -25.64 -12.00 -15.30
CA GLU A 326 -24.90 -12.56 -14.13
C GLU A 326 -23.38 -12.40 -14.34
N ARG A 327 -23.07 -11.30 -15.08
CA ARG A 327 -21.80 -10.56 -15.11
C ARG A 327 -21.96 -9.28 -14.21
N ARG A 328 -23.16 -9.15 -13.64
CA ARG A 328 -23.49 -8.05 -12.77
C ARG A 328 -24.28 -8.65 -11.56
N PRO A 329 -23.69 -9.62 -10.83
CA PRO A 329 -24.39 -10.25 -9.71
C PRO A 329 -24.40 -9.48 -8.40
N HIS A 330 -25.25 -9.95 -7.49
CA HIS A 330 -25.20 -9.57 -6.11
C HIS A 330 -23.93 -10.13 -5.45
N PHE A 331 -23.22 -9.26 -4.72
CA PHE A 331 -22.11 -9.63 -3.86
C PHE A 331 -22.66 -9.67 -2.47
N PRO A 332 -22.78 -10.88 -1.93
CA PRO A 332 -23.46 -11.13 -0.65
C PRO A 332 -22.80 -10.52 0.57
N GLN A 333 -23.57 -9.81 1.36
CA GLN A 333 -23.09 -9.23 2.61
C GLN A 333 -21.90 -8.33 2.35
N PHE A 334 -21.91 -7.68 1.20
CA PHE A 334 -20.88 -6.74 0.86
C PHE A 334 -21.00 -5.51 1.77
N ASP A 335 -22.25 -5.07 1.91
CA ASP A 335 -22.56 -3.74 2.41
C ASP A 335 -22.19 -3.66 3.87
N TYR A 336 -21.60 -2.53 4.27
CA TYR A 336 -21.04 -2.34 5.62
C TYR A 336 -21.11 -0.83 6.03
N SER A 337 -21.28 -0.59 7.35
CA SER A 337 -21.20 0.75 7.93
C SER A 337 -20.57 0.69 9.34
N ALA A 338 -19.49 1.46 9.52
CA ALA A 338 -18.64 1.38 10.71
C ALA A 338 -19.34 1.86 12.02
N SER A 339 -18.81 1.40 13.17
CA SER A 339 -19.33 1.75 14.52
C SER A 339 -18.55 1.16 15.74
N SER A 340 -17.22 1.33 15.75
CA SER A 340 -16.33 0.74 16.78
C SER A 340 -16.79 0.84 18.23
N GLY B 1 10.98 10.92 -15.09
CA GLY B 1 9.68 10.63 -14.33
C GLY B 1 9.14 9.19 -14.42
N ARG B 2 9.47 8.35 -13.41
CA ARG B 2 9.08 6.90 -13.34
C ARG B 2 7.59 6.59 -13.66
N PRO B 3 7.34 5.65 -14.59
CA PRO B 3 5.98 5.25 -14.91
C PRO B 3 5.39 4.38 -13.82
N ARG B 4 4.06 4.56 -13.63
CA ARG B 4 3.27 3.80 -12.68
C ARG B 4 3.32 2.37 -13.07
N THR B 5 3.40 1.50 -12.08
CA THR B 5 3.37 0.06 -12.28
C THR B 5 1.97 -0.48 -12.19
N THR B 6 1.76 -1.75 -12.51
CA THR B 6 0.40 -2.31 -12.45
C THR B 6 0.36 -3.66 -11.70
N SER B 7 -0.59 -3.76 -10.80
CA SER B 7 -0.66 -4.95 -9.99
C SER B 7 -1.34 -5.96 -10.84
N PHE B 8 -1.11 -7.25 -10.58
CA PHE B 8 -1.74 -8.33 -11.35
C PHE B 8 -1.94 -9.51 -10.43
N ALA B 9 -2.83 -10.41 -10.80
CA ALA B 9 -2.88 -11.72 -10.16
C ALA B 9 -3.15 -12.77 -11.21
N GLU B 10 -2.19 -13.68 -11.39
CA GLU B 10 -2.43 -14.91 -12.15
C GLU B 10 -3.59 -15.81 -11.67
#